data_6DB9
#
_entry.id   6DB9
#
_cell.length_a   83.780
_cell.length_b   83.805
_cell.length_c   109.926
_cell.angle_alpha   90.000
_cell.angle_beta   90.000
_cell.angle_gamma   90.000
#
_symmetry.space_group_name_H-M   'P 21 21 21'
#
loop_
_entity.id
_entity.type
_entity.pdbx_description
1 polymer 'RNA (60-MER)'
2 polymer Fab-Heavy-Chain
3 polymer Fab-Light-Chain
4 non-polymer 'MAGNESIUM ION'
5 water water
#
loop_
_entity_poly.entity_id
_entity_poly.type
_entity_poly.pdbx_seq_one_letter_code
_entity_poly.pdbx_strand_id
1 'polyribonucleotide' GGAUGCGCCUUGAAAAGCCUGCGAAACACGCAGCUGGUGAAUGACAGCUAUGGCGCAUCC R
2 'polypeptide(L)'
;EISEVQLVESGGGLVQPGGSLRLSCAASGFYISYSSIHWVRQAPGKGLEWVASISPYSGSTYYADSVKGRFTISADTSKN
TAYLQMNSLRAEDTAVYYCARQGYRRRSGRGFDYWGQGTLVTVSSASTKGPSVFPLAPSSKSTSGGTAALGCLVKDYFPE
PVTVSWNSGALTSGVHTFPAVLQSSGLYSLSSVVTVPSSSLGTQTYICNVNHKPSNTKVDKKVEPKSCDKTH
;
H
3 'polypeptide(L)'
;SDIQMTQSPSSLSASVGDRVTITCRASQSVSSAVAWYQQKPGKAPKLLIYSASSLYSGVPSRFSGSRSGTDFTLTISSLQ
PEDFATYYCQQSYSFPSTFGQGTKVEIKRTVAAPSVFIFPPSDEQLKSGTASVVCLLNNFYPREAKVQWKVDNALQSGNS
QESVTEQDSKDSTYSLSSTLTLSKADYEKHKVYACEVTHQGSSPVTKSFNRGEC
;
L
#
# COMPACT_ATOMS: atom_id res chain seq x y z
N GLU B 4 -20.21 7.52 14.55
CA GLU B 4 -20.88 6.96 15.73
C GLU B 4 -20.48 5.51 15.98
N VAL B 5 -20.62 4.65 14.95
CA VAL B 5 -20.12 3.29 15.05
C VAL B 5 -18.63 3.27 14.76
N GLN B 6 -17.88 2.50 15.56
CA GLN B 6 -16.43 2.44 15.44
C GLN B 6 -15.93 1.04 15.78
N LEU B 7 -14.91 0.60 15.06
CA LEU B 7 -14.15 -0.59 15.41
C LEU B 7 -12.67 -0.22 15.48
N VAL B 8 -12.02 -0.53 16.60
CA VAL B 8 -10.63 -0.15 16.84
C VAL B 8 -9.85 -1.42 17.14
N GLU B 9 -8.98 -1.80 16.22
CA GLU B 9 -8.17 -3.00 16.37
C GLU B 9 -6.85 -2.70 17.07
N SER B 10 -6.35 -3.71 17.78
CA SER B 10 -5.01 -3.67 18.33
C SER B 10 -4.43 -5.06 18.29
N GLY B 11 -3.15 -5.18 18.65
CA GLY B 11 -2.51 -6.46 18.81
C GLY B 11 -1.60 -6.92 17.69
N GLY B 12 -1.46 -6.12 16.63
CA GLY B 12 -0.58 -6.50 15.53
C GLY B 12 0.89 -6.52 15.96
N GLY B 13 1.75 -6.82 14.99
CA GLY B 13 3.17 -6.64 15.19
C GLY B 13 3.95 -7.73 14.49
N LEU B 14 5.21 -7.88 14.91
CA LEU B 14 6.16 -8.82 14.32
C LEU B 14 6.17 -10.12 15.10
N VAL B 15 6.13 -11.24 14.38
CA VAL B 15 6.21 -12.56 14.99
C VAL B 15 7.04 -13.47 14.09
N GLN B 16 7.70 -14.46 14.71
CA GLN B 16 8.49 -15.41 13.95
C GLN B 16 7.58 -16.53 13.44
N PRO B 17 7.95 -17.15 12.31
CA PRO B 17 7.16 -18.28 11.80
C PRO B 17 6.99 -19.34 12.89
N GLY B 18 5.85 -20.03 12.86
CA GLY B 18 5.45 -20.90 13.94
C GLY B 18 4.89 -20.21 15.16
N GLY B 19 5.03 -18.89 15.27
CA GLY B 19 4.60 -18.18 16.45
C GLY B 19 3.10 -17.92 16.46
N SER B 20 2.68 -17.15 17.47
CA SER B 20 1.26 -16.88 17.68
C SER B 20 1.06 -15.42 18.07
N LEU B 21 -0.18 -14.97 17.95
CA LEU B 21 -0.53 -13.56 18.07
C LEU B 21 -2.03 -13.46 18.26
N ARG B 22 -2.47 -12.57 19.16
CA ARG B 22 -3.89 -12.31 19.37
C ARG B 22 -4.21 -10.88 18.96
N LEU B 23 -5.08 -10.74 17.97
CA LEU B 23 -5.66 -9.46 17.60
C LEU B 23 -6.97 -9.25 18.33
N SER B 24 -7.25 -7.98 18.64
CA SER B 24 -8.49 -7.62 19.30
C SER B 24 -9.22 -6.57 18.48
N CYS B 25 -10.54 -6.53 18.66
CA CYS B 25 -11.40 -5.61 17.91
C CYS B 25 -12.42 -5.00 18.86
N ALA B 26 -12.21 -3.75 19.24
CA ALA B 26 -13.02 -3.09 20.26
C ALA B 26 -14.11 -2.28 19.56
N ALA B 27 -15.36 -2.57 19.88
CA ALA B 27 -16.49 -1.94 19.23
C ALA B 27 -17.03 -0.78 20.06
N SER B 28 -17.59 0.22 19.36
CA SER B 28 -18.23 1.37 19.96
C SER B 28 -19.46 1.74 19.15
N GLY B 29 -20.53 2.14 19.82
CA GLY B 29 -21.74 2.58 19.14
C GLY B 29 -22.73 1.48 18.84
N PHE B 30 -22.37 0.23 19.11
CA PHE B 30 -23.27 -0.90 18.97
C PHE B 30 -22.76 -2.01 19.87
N TYR B 31 -23.58 -3.04 20.04
CA TYR B 31 -23.25 -4.19 20.86
C TYR B 31 -22.97 -5.36 19.93
N ILE B 32 -21.80 -5.99 20.09
CA ILE B 32 -21.39 -7.05 19.17
C ILE B 32 -22.32 -8.26 19.23
N SER B 33 -23.04 -8.44 20.33
CA SER B 33 -23.91 -9.61 20.46
C SER B 33 -25.03 -9.65 19.43
N TYR B 34 -25.40 -8.50 18.84
CA TYR B 34 -26.48 -8.43 17.88
C TYR B 34 -26.01 -8.49 16.43
N SER B 35 -24.71 -8.66 16.19
CA SER B 35 -24.15 -8.67 14.85
C SER B 35 -23.23 -9.87 14.67
N SER B 36 -23.02 -10.24 13.41
CA SER B 36 -21.89 -11.08 13.02
C SER B 36 -20.64 -10.22 12.91
N ILE B 37 -19.53 -10.70 13.47
CA ILE B 37 -18.25 -10.01 13.37
C ILE B 37 -17.32 -10.83 12.49
N HIS B 38 -16.62 -10.16 11.57
CA HIS B 38 -15.74 -10.82 10.62
C HIS B 38 -14.33 -10.29 10.74
N TRP B 39 -13.37 -11.11 10.32
CA TRP B 39 -11.99 -10.71 10.12
C TRP B 39 -11.63 -10.92 8.65
N VAL B 40 -11.00 -9.91 8.05
CA VAL B 40 -10.62 -9.91 6.64
C VAL B 40 -9.16 -9.49 6.55
N ARG B 41 -8.45 -10.04 5.57
CA ARG B 41 -7.00 -9.93 5.40
C ARG B 41 -6.69 -9.26 4.07
N GLN B 42 -5.59 -8.50 4.05
CA GLN B 42 -5.10 -7.92 2.80
C GLN B 42 -3.58 -8.02 2.81
N ALA B 43 -3.05 -9.02 2.11
CA ALA B 43 -1.61 -9.12 1.94
C ALA B 43 -1.12 -7.90 1.17
N PRO B 44 0.12 -7.47 1.41
CA PRO B 44 0.60 -6.22 0.80
C PRO B 44 0.49 -6.26 -0.72
N GLY B 45 -0.09 -5.19 -1.28
CA GLY B 45 -0.35 -5.14 -2.71
C GLY B 45 -1.31 -6.17 -3.24
N LYS B 46 -2.09 -6.82 -2.38
CA LYS B 46 -2.99 -7.89 -2.79
C LYS B 46 -4.43 -7.55 -2.43
N GLY B 47 -5.36 -8.46 -2.78
CA GLY B 47 -6.76 -8.22 -2.55
C GLY B 47 -7.20 -8.60 -1.14
N LEU B 48 -8.46 -8.26 -0.84
CA LEU B 48 -9.08 -8.70 0.39
C LEU B 48 -9.28 -10.22 0.40
N GLU B 49 -8.96 -10.84 1.52
CA GLU B 49 -9.21 -12.27 1.73
C GLU B 49 -9.98 -12.45 3.04
N TRP B 50 -11.17 -13.06 2.93
CA TRP B 50 -11.96 -13.38 4.12
C TRP B 50 -11.25 -14.45 4.96
N VAL B 51 -11.29 -14.28 6.28
CA VAL B 51 -10.52 -15.11 7.20
C VAL B 51 -11.43 -15.93 8.12
N ALA B 52 -12.36 -15.27 8.81
CA ALA B 52 -13.15 -15.94 9.83
C ALA B 52 -14.34 -15.07 10.21
N SER B 53 -15.35 -15.70 10.80
CA SER B 53 -16.51 -14.96 11.29
C SER B 53 -17.12 -15.69 12.48
N ILE B 54 -17.92 -14.96 13.25
CA ILE B 54 -18.64 -15.50 14.39
C ILE B 54 -20.06 -14.93 14.37
N SER B 55 -21.07 -15.83 14.47
CA SER B 55 -22.49 -15.53 14.35
C SER B 55 -23.08 -15.12 15.70
N PRO B 56 -24.08 -14.25 15.70
CA PRO B 56 -24.71 -13.85 16.95
C PRO B 56 -25.69 -14.90 17.48
N TYR B 57 -25.89 -14.86 18.80
CA TYR B 57 -26.84 -15.70 19.53
C TYR B 57 -26.37 -17.13 19.67
N SER B 58 -25.83 -17.71 18.59
CA SER B 58 -25.28 -19.05 18.66
C SER B 58 -23.77 -19.06 18.91
N GLY B 59 -23.06 -18.01 18.50
CA GLY B 59 -21.62 -18.04 18.56
C GLY B 59 -20.98 -19.00 17.60
N SER B 60 -21.72 -19.46 16.58
CA SER B 60 -21.14 -20.30 15.56
C SER B 60 -20.02 -19.57 14.85
N THR B 61 -18.92 -20.29 14.59
CA THR B 61 -17.74 -19.71 13.99
C THR B 61 -17.45 -20.40 12.66
N TYR B 62 -16.83 -19.65 11.74
CA TYR B 62 -16.53 -20.13 10.40
C TYR B 62 -15.15 -19.62 10.01
N TYR B 63 -14.46 -20.39 9.15
CA TYR B 63 -13.05 -20.14 8.87
C TYR B 63 -12.73 -20.45 7.41
N ALA B 64 -11.81 -19.69 6.85
CA ALA B 64 -11.28 -19.99 5.53
C ALA B 64 -10.39 -21.23 5.59
N ASP B 65 -10.34 -21.95 4.46
CA ASP B 65 -9.51 -23.16 4.38
C ASP B 65 -8.07 -22.86 4.75
N SER B 66 -7.53 -21.77 4.21
CA SER B 66 -6.15 -21.36 4.47
C SER B 66 -5.81 -21.29 5.96
N VAL B 67 -6.82 -21.30 6.82
CA VAL B 67 -6.67 -20.83 8.20
C VAL B 67 -7.26 -21.80 9.22
N LYS B 68 -8.07 -22.76 8.79
CA LYS B 68 -8.76 -23.65 9.69
C LYS B 68 -7.78 -24.45 10.53
N GLY B 69 -8.11 -24.63 11.81
CA GLY B 69 -7.25 -25.33 12.74
C GLY B 69 -6.08 -24.53 13.28
N ARG B 70 -5.78 -23.36 12.71
CA ARG B 70 -4.73 -22.50 13.24
C ARG B 70 -5.25 -21.21 13.86
N PHE B 71 -6.37 -20.68 13.36
CA PHE B 71 -6.97 -19.46 13.88
C PHE B 71 -8.25 -19.79 14.62
N THR B 72 -8.53 -19.03 15.68
CA THR B 72 -9.79 -19.13 16.40
C THR B 72 -10.36 -17.74 16.61
N ILE B 73 -11.62 -17.55 16.23
CA ILE B 73 -12.31 -16.28 16.43
C ILE B 73 -13.18 -16.41 17.66
N SER B 74 -13.25 -15.34 18.46
CA SER B 74 -13.99 -15.37 19.70
C SER B 74 -14.43 -13.96 20.04
N ALA B 75 -15.13 -13.83 21.16
CA ALA B 75 -15.74 -12.56 21.53
C ALA B 75 -15.94 -12.55 23.04
N ASP B 76 -15.64 -11.42 23.66
CA ASP B 76 -15.93 -11.17 25.07
C ASP B 76 -17.01 -10.09 25.10
N THR B 77 -18.27 -10.51 25.23
CA THR B 77 -19.38 -9.56 25.18
C THR B 77 -19.28 -8.51 26.29
N SER B 78 -18.76 -8.90 27.46
CA SER B 78 -18.65 -7.95 28.57
C SER B 78 -17.65 -6.85 28.29
N LYS B 79 -16.73 -7.07 27.34
CA LYS B 79 -15.79 -6.06 26.89
C LYS B 79 -16.16 -5.47 25.55
N ASN B 80 -17.30 -5.89 24.98
CA ASN B 80 -17.72 -5.48 23.65
C ASN B 80 -16.59 -5.61 22.65
N THR B 81 -15.86 -6.72 22.72
CA THR B 81 -14.65 -6.90 21.94
C THR B 81 -14.61 -8.30 21.36
N ALA B 82 -14.20 -8.39 20.09
CA ALA B 82 -13.94 -9.66 19.43
C ALA B 82 -12.43 -9.86 19.27
N TYR B 83 -12.04 -11.13 19.10
CA TYR B 83 -10.65 -11.52 19.09
C TYR B 83 -10.37 -12.49 17.96
N LEU B 84 -9.13 -12.44 17.45
CA LEU B 84 -8.63 -13.45 16.53
C LEU B 84 -7.33 -13.98 17.10
N GLN B 85 -7.35 -15.23 17.57
CA GLN B 85 -6.14 -15.92 18.01
C GLN B 85 -5.50 -16.61 16.81
N MET B 86 -4.27 -16.25 16.50
CA MET B 86 -3.58 -16.75 15.31
C MET B 86 -2.39 -17.59 15.77
N ASN B 87 -2.45 -18.89 15.55
CA ASN B 87 -1.41 -19.81 15.99
C ASN B 87 -0.65 -20.37 14.79
N SER B 88 0.52 -20.97 15.09
CA SER B 88 1.47 -21.50 14.12
C SER B 88 1.48 -20.68 12.83
N LEU B 89 1.92 -19.43 12.93
CA LEU B 89 1.82 -18.50 11.83
C LEU B 89 2.82 -18.85 10.73
N ARG B 90 2.47 -18.49 9.49
CA ARG B 90 3.31 -18.68 8.33
C ARG B 90 3.59 -17.34 7.66
N ALA B 91 4.65 -17.32 6.84
CA ALA B 91 5.03 -16.10 6.14
C ALA B 91 3.88 -15.56 5.30
N GLU B 92 3.11 -16.44 4.66
CA GLU B 92 2.00 -15.97 3.83
C GLU B 92 0.85 -15.40 4.66
N ASP B 93 0.85 -15.55 5.98
CA ASP B 93 -0.13 -14.89 6.83
C ASP B 93 0.16 -13.40 7.02
N THR B 94 1.26 -12.90 6.44
CA THR B 94 1.60 -11.49 6.55
C THR B 94 0.56 -10.64 5.82
N ALA B 95 -0.05 -9.70 6.53
CA ALA B 95 -1.14 -8.92 5.94
C ALA B 95 -1.56 -7.84 6.93
N VAL B 96 -2.31 -6.88 6.41
CA VAL B 96 -3.11 -6.00 7.25
C VAL B 96 -4.41 -6.72 7.56
N TYR B 97 -4.74 -6.81 8.84
CA TYR B 97 -5.91 -7.55 9.30
C TYR B 97 -7.00 -6.56 9.67
N TYR B 98 -8.18 -6.73 9.08
CA TYR B 98 -9.32 -5.86 9.34
C TYR B 98 -10.39 -6.58 10.14
N CYS B 99 -10.92 -5.88 11.13
CA CYS B 99 -12.20 -6.21 11.76
C CYS B 99 -13.33 -5.66 10.90
N ALA B 100 -14.44 -6.39 10.82
CA ALA B 100 -15.60 -5.84 10.12
C ALA B 100 -16.90 -6.31 10.76
N ARG B 101 -17.89 -5.43 10.74
CA ARG B 101 -19.23 -5.73 11.22
C ARG B 101 -20.11 -6.06 10.03
N GLN B 102 -20.73 -7.23 10.05
CA GLN B 102 -21.84 -7.46 9.12
C GLN B 102 -23.03 -6.64 9.61
N GLY B 103 -23.60 -5.84 8.71
CA GLY B 103 -24.65 -4.93 9.08
C GLY B 103 -25.96 -5.64 9.41
N TYR B 104 -26.96 -4.83 9.76
CA TYR B 104 -28.27 -5.35 10.09
C TYR B 104 -28.97 -5.82 8.81
N ARG B 105 -29.57 -7.01 8.89
CA ARG B 105 -30.09 -7.68 7.69
C ARG B 105 -31.03 -6.77 6.91
N ARG B 106 -31.97 -6.13 7.60
CA ARG B 106 -32.97 -5.32 6.91
C ARG B 106 -32.38 -4.02 6.37
N ARG B 107 -31.24 -3.57 6.89
CA ARG B 107 -30.67 -2.29 6.49
C ARG B 107 -29.56 -2.43 5.47
N SER B 108 -28.76 -3.50 5.55
CA SER B 108 -27.70 -3.69 4.56
C SER B 108 -27.46 -5.16 4.21
N GLY B 109 -28.46 -6.02 4.38
CA GLY B 109 -28.31 -7.41 3.98
C GLY B 109 -27.18 -8.10 4.71
N ARG B 110 -26.29 -8.73 3.95
CA ARG B 110 -25.08 -9.33 4.49
C ARG B 110 -23.84 -8.47 4.24
N GLY B 111 -24.01 -7.25 3.74
CA GLY B 111 -22.86 -6.38 3.54
C GLY B 111 -22.17 -6.04 4.84
N PHE B 112 -20.87 -5.76 4.74
CA PHE B 112 -20.04 -5.39 5.89
C PHE B 112 -20.03 -3.87 5.96
N ASP B 113 -20.85 -3.30 6.86
CA ASP B 113 -21.07 -1.86 6.78
C ASP B 113 -20.07 -1.03 7.57
N TYR B 114 -19.36 -1.60 8.54
CA TYR B 114 -18.34 -0.87 9.27
C TYR B 114 -17.10 -1.73 9.42
N TRP B 115 -15.93 -1.08 9.28
CA TRP B 115 -14.64 -1.73 9.24
C TRP B 115 -13.70 -1.06 10.24
N GLY B 116 -12.84 -1.85 10.87
CA GLY B 116 -11.76 -1.30 11.65
C GLY B 116 -10.73 -0.62 10.77
N GLN B 117 -9.74 0.00 11.43
CA GLN B 117 -8.68 0.72 10.73
C GLN B 117 -7.62 -0.21 10.16
N GLY B 118 -7.52 -1.43 10.67
CA GLY B 118 -6.51 -2.36 10.19
C GLY B 118 -5.31 -2.38 11.10
N THR B 119 -4.74 -3.56 11.31
CA THR B 119 -3.49 -3.70 12.05
C THR B 119 -2.55 -4.62 11.27
N LEU B 120 -1.28 -4.23 11.20
CA LEU B 120 -0.30 -4.92 10.37
C LEU B 120 0.32 -6.10 11.13
N VAL B 121 0.24 -7.27 10.54
CA VAL B 121 0.88 -8.48 11.07
C VAL B 121 1.93 -8.93 10.07
N THR B 122 3.17 -9.04 10.52
CA THR B 122 4.27 -9.55 9.69
C THR B 122 4.90 -10.77 10.34
N VAL B 123 5.01 -11.85 9.57
CA VAL B 123 5.55 -13.12 10.04
C VAL B 123 6.89 -13.32 9.35
N SER B 124 7.98 -13.16 10.10
CA SER B 124 9.31 -13.18 9.51
C SER B 124 10.33 -13.59 10.55
N SER B 125 11.43 -14.20 10.08
CA SER B 125 12.54 -14.53 10.96
C SER B 125 13.38 -13.30 11.30
N ALA B 126 13.42 -12.31 10.41
CA ALA B 126 14.22 -11.11 10.63
C ALA B 126 13.82 -10.43 11.94
N SER B 127 14.74 -9.63 12.47
CA SER B 127 14.59 -9.04 13.78
C SER B 127 14.40 -7.52 13.67
N THR B 128 13.59 -6.99 14.59
CA THR B 128 13.35 -5.55 14.69
C THR B 128 14.65 -4.76 14.66
N LYS B 129 14.78 -3.89 13.65
CA LYS B 129 15.99 -3.10 13.47
C LYS B 129 15.61 -1.71 12.98
N GLY B 130 16.15 -0.69 13.63
CA GLY B 130 16.01 0.68 13.18
C GLY B 130 16.73 0.89 11.86
N PRO B 131 16.36 1.94 11.14
CA PRO B 131 16.95 2.19 9.83
C PRO B 131 18.22 3.02 9.91
N SER B 132 19.00 2.94 8.83
CA SER B 132 20.13 3.83 8.61
C SER B 132 19.73 4.85 7.56
N VAL B 133 19.75 6.13 7.92
CA VAL B 133 19.24 7.21 7.08
C VAL B 133 20.40 8.00 6.52
N PHE B 134 20.49 8.06 5.19
CA PHE B 134 21.59 8.64 4.45
C PHE B 134 21.11 9.82 3.62
N PRO B 135 21.84 10.93 3.61
CA PRO B 135 21.46 12.06 2.73
C PRO B 135 21.50 11.67 1.27
N LEU B 136 20.61 12.30 0.50
CA LEU B 136 20.65 12.29 -0.96
C LEU B 136 20.91 13.73 -1.40
N ALA B 137 22.19 14.04 -1.69
CA ALA B 137 22.63 15.41 -1.88
C ALA B 137 22.16 15.95 -3.23
N PRO B 138 21.74 17.21 -3.28
CA PRO B 138 21.32 17.81 -4.56
C PRO B 138 22.49 18.15 -5.45
N SER B 139 22.18 18.22 -6.76
CA SER B 139 23.03 18.77 -7.83
C SER B 139 23.91 17.69 -8.45
N GLY B 145 16.22 21.86 -14.48
CA GLY B 145 16.24 23.24 -14.91
C GLY B 145 16.58 24.22 -13.81
N GLY B 146 15.55 24.83 -13.21
CA GLY B 146 15.74 25.75 -12.10
C GLY B 146 15.31 25.19 -10.77
N THR B 147 14.84 23.94 -10.76
CA THR B 147 14.48 23.25 -9.54
C THR B 147 15.44 22.10 -9.29
N ALA B 148 15.72 21.84 -8.01
CA ALA B 148 16.66 20.82 -7.59
C ALA B 148 15.94 19.75 -6.78
N ALA B 149 16.42 18.51 -6.91
CA ALA B 149 15.92 17.40 -6.12
C ALA B 149 16.92 17.04 -5.03
N LEU B 150 16.38 16.59 -3.90
CA LEU B 150 17.19 16.06 -2.80
C LEU B 150 16.31 15.09 -2.02
N GLY B 151 16.92 14.31 -1.15
CA GLY B 151 16.13 13.32 -0.44
C GLY B 151 16.87 12.69 0.73
N CYS B 152 16.28 11.59 1.21
CA CYS B 152 16.81 10.79 2.30
C CYS B 152 16.66 9.32 1.93
N LEU B 153 17.73 8.55 2.08
CA LEU B 153 17.71 7.11 1.87
C LEU B 153 17.55 6.42 3.23
N VAL B 154 16.49 5.63 3.36
CA VAL B 154 16.13 4.98 4.61
C VAL B 154 16.31 3.48 4.41
N LYS B 155 17.44 2.94 4.87
CA LYS B 155 17.87 1.59 4.51
C LYS B 155 17.93 0.67 5.72
N ASP B 156 17.60 -0.59 5.48
CA ASP B 156 17.85 -1.70 6.40
C ASP B 156 17.12 -1.53 7.73
N TYR B 157 15.78 -1.50 7.64
CA TYR B 157 14.96 -1.50 8.83
C TYR B 157 13.95 -2.65 8.74
N PHE B 158 13.43 -3.03 9.90
CA PHE B 158 12.43 -4.09 9.96
C PHE B 158 11.70 -4.00 11.28
N PRO B 159 10.39 -4.28 11.31
CA PRO B 159 9.56 -4.43 10.12
C PRO B 159 9.03 -3.08 9.66
N GLU B 160 8.06 -3.11 8.73
CA GLU B 160 7.28 -1.91 8.46
C GLU B 160 6.51 -1.52 9.72
N PRO B 161 6.11 -0.25 9.84
CA PRO B 161 6.32 0.87 8.93
C PRO B 161 7.31 1.91 9.44
N VAL B 162 7.77 2.77 8.54
CA VAL B 162 8.54 3.95 8.89
C VAL B 162 7.79 5.15 8.33
N THR B 163 7.79 6.25 9.08
CA THR B 163 7.23 7.51 8.59
C THR B 163 8.34 8.52 8.35
N VAL B 164 8.16 9.33 7.31
CA VAL B 164 9.13 10.36 6.94
C VAL B 164 8.39 11.68 6.76
N SER B 165 8.91 12.72 7.38
CA SER B 165 8.50 14.10 7.13
C SER B 165 9.72 14.92 6.75
N TRP B 166 9.50 16.20 6.44
CA TRP B 166 10.57 17.12 6.10
C TRP B 166 10.38 18.41 6.86
N ASN B 167 11.46 18.90 7.46
CA ASN B 167 11.44 20.11 8.29
C ASN B 167 10.26 20.10 9.26
N SER B 168 10.13 18.99 10.00
CA SER B 168 9.09 18.82 11.02
C SER B 168 7.69 18.99 10.44
N GLY B 169 7.51 18.54 9.19
CA GLY B 169 6.23 18.65 8.52
C GLY B 169 5.93 19.99 7.87
N ALA B 170 6.90 20.92 7.89
CA ALA B 170 6.68 22.23 7.27
C ALA B 170 6.88 22.19 5.76
N LEU B 171 7.71 21.26 5.27
CA LEU B 171 7.93 21.09 3.83
C LEU B 171 7.07 19.93 3.33
N THR B 172 6.12 20.24 2.46
CA THR B 172 5.13 19.30 1.94
C THR B 172 5.10 19.28 0.42
N SER B 173 5.18 20.43 -0.23
CA SER B 173 5.05 20.52 -1.67
C SER B 173 6.21 19.81 -2.34
N GLY B 174 5.89 18.92 -3.29
CA GLY B 174 6.90 18.24 -4.08
C GLY B 174 7.52 17.03 -3.42
N VAL B 175 7.07 16.63 -2.24
CA VAL B 175 7.63 15.47 -1.55
C VAL B 175 7.04 14.20 -2.15
N HIS B 176 7.89 13.22 -2.42
CA HIS B 176 7.46 11.87 -2.75
C HIS B 176 8.23 10.90 -1.87
N THR B 177 7.51 10.14 -1.04
CA THR B 177 8.09 9.07 -0.26
C THR B 177 7.66 7.75 -0.89
N PHE B 178 8.62 7.00 -1.42
CA PHE B 178 8.28 5.79 -2.14
C PHE B 178 7.90 4.65 -1.18
N PRO B 179 7.09 3.70 -1.63
CA PRO B 179 6.77 2.54 -0.79
C PRO B 179 8.01 1.70 -0.52
N ALA B 180 8.08 1.16 0.68
CA ALA B 180 9.18 0.25 1.04
C ALA B 180 9.18 -0.96 0.12
N VAL B 181 10.39 -1.41 -0.23
CA VAL B 181 10.58 -2.69 -0.90
C VAL B 181 11.51 -3.56 -0.06
N LEU B 182 11.28 -4.87 -0.11
CA LEU B 182 12.05 -5.81 0.68
C LEU B 182 13.27 -6.26 -0.12
N GLN B 183 14.46 -5.94 0.39
CA GLN B 183 15.65 -6.40 -0.31
C GLN B 183 15.98 -7.82 0.12
N SER B 184 16.69 -8.53 -0.76
CA SER B 184 17.14 -9.90 -0.53
C SER B 184 17.61 -10.15 0.89
N SER B 185 18.25 -9.15 1.50
CA SER B 185 18.75 -9.25 2.86
C SER B 185 17.66 -9.42 3.90
N GLY B 186 16.38 -9.34 3.51
CA GLY B 186 15.29 -9.48 4.45
C GLY B 186 14.93 -8.24 5.24
N LEU B 187 15.54 -7.10 4.94
CA LEU B 187 15.17 -5.83 5.57
C LEU B 187 14.58 -4.90 4.52
N TYR B 188 13.97 -3.81 5.00
CA TYR B 188 13.27 -2.89 4.12
C TYR B 188 14.16 -1.72 3.73
N SER B 189 13.87 -1.13 2.56
CA SER B 189 14.51 0.11 2.17
C SER B 189 13.64 0.93 1.25
N LEU B 190 13.73 2.25 1.38
CA LEU B 190 12.81 3.21 0.81
C LEU B 190 13.50 4.56 0.79
N SER B 191 13.25 5.34 -0.26
CA SER B 191 13.74 6.70 -0.36
C SER B 191 12.59 7.70 -0.36
N SER B 192 12.84 8.85 0.26
CA SER B 192 11.91 9.98 0.23
C SER B 192 12.64 11.17 -0.38
N VAL B 193 12.00 11.81 -1.36
CA VAL B 193 12.62 12.90 -2.11
C VAL B 193 11.68 14.10 -2.14
N VAL B 194 12.25 15.25 -2.46
CA VAL B 194 11.50 16.49 -2.59
C VAL B 194 12.22 17.36 -3.62
N THR B 195 11.44 18.14 -4.37
CA THR B 195 12.00 19.12 -5.29
C THR B 195 11.78 20.52 -4.73
N VAL B 196 12.82 21.35 -4.83
CA VAL B 196 12.83 22.69 -4.24
C VAL B 196 13.56 23.63 -5.18
N PRO B 197 13.36 24.94 -5.05
CA PRO B 197 14.15 25.89 -5.84
C PRO B 197 15.64 25.71 -5.55
N SER B 198 16.42 25.57 -6.63
CA SER B 198 17.88 25.47 -6.47
C SER B 198 18.45 26.74 -5.86
N SER B 199 17.82 27.89 -6.11
CA SER B 199 18.25 29.15 -5.51
C SER B 199 18.21 29.10 -3.99
N SER B 200 17.41 28.21 -3.40
CA SER B 200 17.26 28.13 -1.95
C SER B 200 18.19 27.13 -1.30
N LEU B 201 19.07 26.48 -2.07
CA LEU B 201 19.96 25.47 -1.49
C LEU B 201 20.95 26.08 -0.51
N GLY B 202 21.41 27.30 -0.76
CA GLY B 202 22.36 27.93 0.14
C GLY B 202 21.76 28.59 1.36
N THR B 203 20.44 28.78 1.39
CA THR B 203 19.80 29.59 2.42
C THR B 203 18.75 28.85 3.24
N GLN B 204 18.24 27.71 2.77
CA GLN B 204 17.23 26.95 3.49
C GLN B 204 17.80 25.59 3.89
N THR B 205 17.67 25.24 5.17
CA THR B 205 18.10 23.95 5.66
C THR B 205 16.98 22.94 5.50
N TYR B 206 17.32 21.78 4.92
CA TYR B 206 16.36 20.70 4.69
C TYR B 206 16.77 19.52 5.57
N ILE B 207 15.91 19.16 6.52
CA ILE B 207 16.11 17.97 7.33
C ILE B 207 14.89 17.07 7.19
N CYS B 208 15.16 15.78 6.98
CA CYS B 208 14.10 14.77 6.96
C CYS B 208 14.00 14.11 8.33
N ASN B 209 12.77 13.91 8.79
CA ASN B 209 12.49 13.31 10.09
C ASN B 209 11.97 11.90 9.88
N VAL B 210 12.70 10.91 10.38
CA VAL B 210 12.44 9.50 10.10
C VAL B 210 12.11 8.82 11.42
N ASN B 211 10.86 8.36 11.55
CA ASN B 211 10.41 7.67 12.75
C ASN B 211 10.16 6.21 12.43
N HIS B 212 10.75 5.32 13.23
CA HIS B 212 10.51 3.89 13.16
C HIS B 212 10.03 3.44 14.53
N LYS B 213 8.72 3.37 14.70
CA LYS B 213 8.14 3.05 16.01
C LYS B 213 8.44 1.63 16.48
N PRO B 214 8.52 0.62 15.59
CA PRO B 214 8.94 -0.72 16.06
C PRO B 214 10.19 -0.72 16.92
N SER B 215 11.23 0.00 16.52
CA SER B 215 12.46 0.09 17.31
C SER B 215 12.48 1.32 18.23
N ASN B 216 11.38 2.08 18.30
CA ASN B 216 11.33 3.33 19.06
C ASN B 216 12.38 4.33 18.59
N THR B 217 12.73 4.28 17.32
CA THR B 217 13.72 5.17 16.73
C THR B 217 13.06 6.45 16.23
N LYS B 218 13.76 7.57 16.45
CA LYS B 218 13.39 8.86 15.86
C LYS B 218 14.68 9.55 15.43
N VAL B 219 14.79 9.86 14.13
CA VAL B 219 16.01 10.42 13.57
C VAL B 219 15.69 11.70 12.82
N ASP B 220 16.52 12.73 13.02
CA ASP B 220 16.57 13.89 12.15
C ASP B 220 17.88 13.84 11.37
N LYS B 221 17.81 14.16 10.06
CA LYS B 221 19.00 14.14 9.21
C LYS B 221 18.97 15.34 8.29
N LYS B 222 19.99 16.19 8.37
CA LYS B 222 20.11 17.34 7.49
C LYS B 222 20.72 16.92 6.16
N VAL B 223 20.14 17.40 5.06
CA VAL B 223 20.60 17.09 3.71
C VAL B 223 21.24 18.33 3.11
N GLU B 224 22.44 18.17 2.58
CA GLU B 224 23.30 19.28 2.18
C GLU B 224 23.97 18.95 0.85
N PRO B 225 24.28 19.96 0.05
CA PRO B 225 25.18 19.74 -1.09
C PRO B 225 26.55 19.25 -0.60
N LYS B 226 27.15 18.36 -1.37
CA LYS B 226 28.48 17.85 -1.05
C LYS B 226 29.54 18.62 -1.82
N SER B 227 30.69 18.82 -1.19
CA SER B 227 31.81 19.53 -1.80
C SER B 227 32.63 18.61 -2.70
N ASP C 2 -16.93 -24.63 -2.60
CA ASP C 2 -16.19 -23.38 -2.61
C ASP C 2 -16.56 -22.57 -3.86
N ILE C 3 -16.92 -21.31 -3.67
CA ILE C 3 -17.47 -20.46 -4.72
C ILE C 3 -16.44 -19.40 -5.06
N GLN C 4 -16.18 -19.22 -6.36
CA GLN C 4 -15.20 -18.26 -6.84
C GLN C 4 -15.88 -17.05 -7.47
N MET C 5 -15.27 -15.87 -7.27
CA MET C 5 -15.76 -14.62 -7.81
C MET C 5 -14.67 -14.05 -8.71
N THR C 6 -14.91 -14.05 -10.01
CA THR C 6 -13.93 -13.59 -11.00
C THR C 6 -14.34 -12.22 -11.50
N GLN C 7 -13.50 -11.23 -11.26
CA GLN C 7 -13.82 -9.82 -11.43
C GLN C 7 -13.00 -9.25 -12.57
N SER C 8 -13.65 -8.50 -13.45
CA SER C 8 -12.98 -7.87 -14.56
C SER C 8 -13.58 -6.48 -14.79
N PRO C 9 -12.80 -5.54 -15.34
CA PRO C 9 -11.37 -5.66 -15.64
C PRO C 9 -10.52 -5.66 -14.37
N SER C 10 -9.25 -6.03 -14.47
CA SER C 10 -8.35 -5.92 -13.33
C SER C 10 -7.91 -4.48 -13.09
N SER C 11 -7.93 -3.64 -14.12
CA SER C 11 -7.49 -2.25 -14.02
C SER C 11 -8.21 -1.44 -15.08
N LEU C 12 -8.26 -0.13 -14.89
CA LEU C 12 -8.98 0.72 -15.82
C LEU C 12 -8.55 2.18 -15.64
N SER C 13 -8.20 2.82 -16.75
CA SER C 13 -7.93 4.26 -16.79
C SER C 13 -9.10 4.97 -17.46
N ALA C 14 -9.61 6.01 -16.83
CA ALA C 14 -10.78 6.73 -17.34
C ALA C 14 -10.73 8.16 -16.83
N SER C 15 -11.69 8.96 -17.27
CA SER C 15 -11.71 10.39 -16.99
C SER C 15 -13.02 10.77 -16.31
N VAL C 16 -12.99 11.92 -15.63
CA VAL C 16 -14.17 12.41 -14.95
C VAL C 16 -15.33 12.51 -15.94
N GLY C 17 -16.53 12.13 -15.48
CA GLY C 17 -17.71 12.12 -16.31
C GLY C 17 -17.93 10.82 -17.07
N ASP C 18 -16.92 9.97 -17.19
CA ASP C 18 -17.09 8.68 -17.85
C ASP C 18 -18.03 7.76 -17.07
N ARG C 19 -18.72 6.89 -17.79
CA ARG C 19 -19.41 5.77 -17.18
C ARG C 19 -18.47 4.58 -17.10
N VAL C 20 -18.33 4.02 -15.89
CA VAL C 20 -17.51 2.85 -15.65
C VAL C 20 -18.41 1.70 -15.25
N THR C 21 -18.13 0.52 -15.80
CA THR C 21 -18.86 -0.69 -15.44
C THR C 21 -17.87 -1.78 -15.06
N ILE C 22 -18.12 -2.43 -13.92
CA ILE C 22 -17.28 -3.50 -13.43
C ILE C 22 -18.16 -4.72 -13.23
N THR C 23 -17.68 -5.88 -13.69
CA THR C 23 -18.46 -7.10 -13.66
C THR C 23 -17.76 -8.14 -12.80
N CYS C 24 -18.57 -9.03 -12.22
CA CYS C 24 -18.11 -10.07 -11.31
C CYS C 24 -19.02 -11.27 -11.54
N ARG C 25 -18.41 -12.43 -11.79
CA ARG C 25 -19.15 -13.63 -12.18
C ARG C 25 -18.90 -14.72 -11.15
N ALA C 26 -19.97 -15.17 -10.49
CA ALA C 26 -19.86 -16.26 -9.53
C ALA C 26 -19.84 -17.60 -10.26
N SER C 27 -18.97 -18.50 -9.81
CA SER C 27 -18.87 -19.82 -10.41
C SER C 27 -20.09 -20.69 -10.11
N GLN C 28 -20.84 -20.37 -9.06
CA GLN C 28 -22.09 -21.04 -8.76
C GLN C 28 -23.12 -19.99 -8.40
N SER C 29 -24.37 -20.43 -8.25
CA SER C 29 -25.41 -19.52 -7.80
C SER C 29 -25.05 -18.92 -6.43
N VAL C 30 -25.25 -17.61 -6.31
CA VAL C 30 -25.11 -16.92 -5.04
C VAL C 30 -26.35 -16.11 -4.68
N SER C 31 -27.39 -16.16 -5.50
CA SER C 31 -28.72 -15.63 -5.18
C SER C 31 -28.67 -14.16 -4.74
N SER C 32 -27.90 -13.35 -5.47
CA SER C 32 -27.82 -11.92 -5.22
C SER C 32 -27.35 -11.58 -3.80
N ALA C 33 -26.72 -12.53 -3.11
CA ALA C 33 -25.97 -12.22 -1.89
C ALA C 33 -24.58 -11.69 -2.23
N VAL C 34 -24.53 -10.57 -2.94
CA VAL C 34 -23.30 -9.98 -3.43
C VAL C 34 -23.21 -8.52 -2.99
N ALA C 35 -22.04 -8.11 -2.52
CA ALA C 35 -21.79 -6.73 -2.12
C ALA C 35 -20.59 -6.17 -2.87
N TRP C 36 -20.55 -4.84 -2.98
CA TRP C 36 -19.46 -4.13 -3.61
C TRP C 36 -18.85 -3.11 -2.64
N TYR C 37 -17.52 -3.03 -2.65
CA TYR C 37 -16.79 -2.13 -1.76
C TYR C 37 -15.85 -1.25 -2.57
N GLN C 38 -15.60 -0.05 -2.03
CA GLN C 38 -14.55 0.84 -2.52
C GLN C 38 -13.45 0.93 -1.49
N GLN C 39 -12.20 0.87 -1.94
CA GLN C 39 -11.05 0.99 -1.03
C GLN C 39 -10.01 1.92 -1.64
N LYS C 40 -9.65 2.94 -0.91
CA LYS C 40 -8.57 3.86 -1.24
C LYS C 40 -7.31 3.43 -0.51
N PRO C 41 -6.13 3.81 -1.02
CA PRO C 41 -4.89 3.22 -0.48
C PRO C 41 -4.66 3.62 0.96
N GLY C 42 -4.30 2.64 1.78
CA GLY C 42 -4.08 2.85 3.19
C GLY C 42 -5.32 2.89 4.05
N LYS C 43 -6.50 2.72 3.46
CA LYS C 43 -7.76 2.88 4.18
C LYS C 43 -8.56 1.59 4.13
N ALA C 44 -9.49 1.46 5.08
CA ALA C 44 -10.41 0.33 5.08
C ALA C 44 -11.38 0.41 3.91
N PRO C 45 -11.86 -0.73 3.42
CA PRO C 45 -12.94 -0.71 2.42
C PRO C 45 -14.22 -0.09 2.98
N LYS C 46 -15.04 0.46 2.07
CA LYS C 46 -16.33 1.05 2.39
C LYS C 46 -17.41 0.38 1.55
N LEU C 47 -18.56 0.11 2.18
CA LEU C 47 -19.64 -0.58 1.51
C LEU C 47 -20.36 0.38 0.55
N LEU C 48 -20.59 -0.09 -0.68
CA LEU C 48 -21.36 0.67 -1.67
C LEU C 48 -22.71 0.05 -1.95
N ILE C 49 -22.73 -1.23 -2.31
CA ILE C 49 -23.93 -1.92 -2.76
C ILE C 49 -24.06 -3.20 -1.95
N TYR C 50 -25.28 -3.51 -1.54
CA TYR C 50 -25.56 -4.78 -0.88
C TYR C 50 -26.72 -5.46 -1.58
N SER C 51 -26.82 -6.77 -1.38
CA SER C 51 -27.87 -7.59 -2.00
C SER C 51 -27.93 -7.35 -3.51
N ALA C 52 -26.74 -7.28 -4.11
CA ALA C 52 -26.53 -7.15 -5.56
C ALA C 52 -26.92 -5.80 -6.14
N SER C 53 -28.01 -5.21 -5.66
CA SER C 53 -28.58 -4.06 -6.36
C SER C 53 -29.04 -2.93 -5.45
N SER C 54 -28.91 -3.06 -4.13
CA SER C 54 -29.41 -2.06 -3.21
C SER C 54 -28.30 -1.08 -2.83
N LEU C 55 -28.65 0.21 -2.82
CA LEU C 55 -27.70 1.27 -2.51
C LEU C 55 -27.53 1.38 -0.99
N TYR C 56 -26.30 1.20 -0.51
CA TYR C 56 -26.06 1.35 0.92
C TYR C 56 -26.36 2.78 1.35
N SER C 57 -26.91 2.92 2.55
CA SER C 57 -27.36 4.22 3.03
C SER C 57 -26.21 5.21 3.10
N GLY C 58 -26.30 6.27 2.31
CA GLY C 58 -25.30 7.33 2.33
C GLY C 58 -24.34 7.38 1.16
N VAL C 59 -24.33 6.38 0.27
CA VAL C 59 -23.42 6.50 -0.88
C VAL C 59 -24.18 7.17 -2.02
N PRO C 60 -23.52 8.00 -2.82
CA PRO C 60 -24.23 8.75 -3.86
C PRO C 60 -24.86 7.85 -4.91
N SER C 61 -25.91 8.36 -5.55
CA SER C 61 -26.70 7.57 -6.48
C SER C 61 -25.99 7.28 -7.79
N ARG C 62 -24.83 7.88 -8.03
CA ARG C 62 -23.99 7.48 -9.17
C ARG C 62 -23.68 6.00 -9.15
N PHE C 63 -23.68 5.39 -7.97
CA PHE C 63 -23.32 3.99 -7.81
C PHE C 63 -24.57 3.12 -7.90
N SER C 64 -24.52 2.10 -8.74
CA SER C 64 -25.64 1.17 -8.87
C SER C 64 -25.12 -0.24 -9.08
N GLY C 65 -25.96 -1.21 -8.77
CA GLY C 65 -25.61 -2.60 -8.93
C GLY C 65 -26.73 -3.38 -9.60
N SER C 66 -26.33 -4.38 -10.37
CA SER C 66 -27.26 -5.18 -11.17
C SER C 66 -26.83 -6.63 -11.19
N ARG C 67 -27.81 -7.53 -11.25
CA ARG C 67 -27.56 -8.97 -11.35
C ARG C 67 -28.24 -9.52 -12.60
N SER C 68 -27.55 -10.40 -13.31
CA SER C 68 -28.14 -11.23 -14.36
C SER C 68 -27.69 -12.66 -14.11
N GLY C 69 -28.56 -13.47 -13.49
CA GLY C 69 -28.19 -14.81 -13.11
C GLY C 69 -27.00 -14.86 -12.17
N THR C 70 -25.85 -15.28 -12.67
CA THR C 70 -24.62 -15.31 -11.89
C THR C 70 -23.65 -14.20 -12.31
N ASP C 71 -24.15 -13.17 -12.99
CA ASP C 71 -23.35 -12.04 -13.45
C ASP C 71 -23.77 -10.80 -12.68
N PHE C 72 -22.82 -10.15 -12.04
CA PHE C 72 -23.08 -8.97 -11.21
C PHE C 72 -22.28 -7.80 -11.75
N THR C 73 -22.94 -6.64 -11.90
CA THR C 73 -22.33 -5.45 -12.48
C THR C 73 -22.46 -4.28 -11.52
N LEU C 74 -21.34 -3.63 -11.24
CA LEU C 74 -21.32 -2.34 -10.56
C LEU C 74 -21.15 -1.25 -11.62
N THR C 75 -22.03 -0.27 -11.59
CA THR C 75 -21.95 0.87 -12.50
C THR C 75 -21.80 2.16 -11.72
N ILE C 76 -20.85 3.00 -12.13
CA ILE C 76 -20.77 4.38 -11.70
C ILE C 76 -21.25 5.24 -12.86
N SER C 77 -22.39 5.93 -12.67
CA SER C 77 -23.03 6.70 -13.74
C SER C 77 -22.04 7.62 -14.44
N SER C 78 -21.49 8.58 -13.73
CA SER C 78 -20.44 9.45 -14.26
C SER C 78 -19.37 9.66 -13.20
N LEU C 79 -18.12 9.39 -13.57
CA LEU C 79 -17.02 9.40 -12.62
C LEU C 79 -16.82 10.79 -12.03
N GLN C 80 -16.58 10.85 -10.73
CA GLN C 80 -16.14 12.05 -10.04
C GLN C 80 -14.69 11.89 -9.59
N PRO C 81 -13.97 13.00 -9.35
CA PRO C 81 -12.57 12.88 -8.91
C PRO C 81 -12.39 12.04 -7.65
N GLU C 82 -13.40 12.01 -6.78
CA GLU C 82 -13.35 11.26 -5.53
C GLU C 82 -13.60 9.77 -5.70
N ASP C 83 -13.88 9.31 -6.91
CA ASP C 83 -14.28 7.93 -7.16
C ASP C 83 -13.13 7.04 -7.61
N PHE C 84 -11.94 7.59 -7.80
CA PHE C 84 -10.80 6.78 -8.22
C PHE C 84 -10.20 6.06 -7.01
N ALA C 85 -10.10 4.73 -7.13
CA ALA C 85 -9.93 3.83 -6.01
C ALA C 85 -9.98 2.39 -6.52
N THR C 86 -9.80 1.42 -5.63
CA THR C 86 -9.98 0.02 -5.99
C THR C 86 -11.35 -0.44 -5.50
N TYR C 87 -12.02 -1.25 -6.34
CA TYR C 87 -13.36 -1.76 -6.05
C TYR C 87 -13.32 -3.29 -6.00
N TYR C 88 -14.15 -3.86 -5.13
CA TYR C 88 -14.18 -5.30 -4.88
C TYR C 88 -15.61 -5.81 -4.84
N CYS C 89 -15.85 -6.97 -5.47
CA CYS C 89 -17.10 -7.68 -5.26
C CYS C 89 -16.90 -8.72 -4.17
N GLN C 90 -18.01 -9.20 -3.62
CA GLN C 90 -17.95 -10.19 -2.54
C GLN C 90 -19.23 -11.01 -2.54
N GLN C 91 -19.09 -12.33 -2.44
CA GLN C 91 -20.23 -13.21 -2.26
C GLN C 91 -20.30 -13.60 -0.78
N SER C 92 -21.49 -13.51 -0.21
CA SER C 92 -21.74 -14.02 1.14
C SER C 92 -22.95 -14.95 1.13
N TYR C 93 -23.17 -15.65 0.02
CA TYR C 93 -24.21 -16.68 -0.01
C TYR C 93 -23.84 -17.84 0.90
N SER C 94 -22.62 -18.36 0.77
CA SER C 94 -22.15 -19.49 1.55
C SER C 94 -20.79 -19.15 2.18
N PHE C 95 -20.48 -19.87 3.25
CA PHE C 95 -19.15 -19.87 3.81
C PHE C 95 -18.28 -20.91 3.10
N PRO C 96 -16.99 -20.62 2.87
CA PRO C 96 -16.34 -19.34 3.17
C PRO C 96 -16.75 -18.21 2.22
N SER C 97 -16.85 -17.00 2.75
CA SER C 97 -17.00 -15.84 1.91
C SER C 97 -15.78 -15.69 1.01
N THR C 98 -15.99 -15.12 -0.18
CA THR C 98 -14.87 -14.89 -1.09
C THR C 98 -15.05 -13.54 -1.78
N PHE C 99 -13.92 -12.92 -2.08
CA PHE C 99 -13.86 -11.63 -2.74
C PHE C 99 -13.36 -11.77 -4.18
N GLY C 100 -13.86 -10.92 -5.06
CA GLY C 100 -13.14 -10.67 -6.29
C GLY C 100 -11.77 -10.07 -5.99
N GLN C 101 -10.90 -10.12 -6.99
CA GLN C 101 -9.51 -9.73 -6.82
C GLN C 101 -9.29 -8.24 -6.98
N GLY C 102 -10.31 -7.51 -7.40
CA GLY C 102 -10.25 -6.07 -7.40
C GLY C 102 -10.18 -5.49 -8.80
N THR C 103 -10.67 -4.25 -8.93
CA THR C 103 -10.47 -3.44 -10.12
C THR C 103 -9.92 -2.10 -9.67
N LYS C 104 -8.74 -1.74 -10.17
CA LYS C 104 -8.11 -0.47 -9.84
C LYS C 104 -8.54 0.58 -10.85
N VAL C 105 -9.34 1.55 -10.41
CA VAL C 105 -9.76 2.65 -11.28
C VAL C 105 -8.79 3.81 -11.09
N GLU C 106 -8.08 4.15 -12.17
CA GLU C 106 -7.12 5.25 -12.19
C GLU C 106 -7.61 6.33 -13.15
N ILE C 107 -7.09 7.54 -12.99
CA ILE C 107 -7.51 8.68 -13.80
C ILE C 107 -6.60 8.81 -15.02
N LYS C 108 -7.21 9.02 -16.18
CA LYS C 108 -6.46 9.20 -17.42
C LYS C 108 -6.01 10.64 -17.57
N ARG C 109 -4.80 10.83 -18.10
CA ARG C 109 -4.25 12.16 -18.32
C ARG C 109 -3.32 12.13 -19.52
N THR C 110 -2.78 13.29 -19.86
CA THR C 110 -1.86 13.42 -20.98
C THR C 110 -0.49 12.87 -20.61
N VAL C 111 0.23 12.39 -21.63
CA VAL C 111 1.58 11.89 -21.42
C VAL C 111 2.48 13.00 -20.88
N ALA C 112 3.41 12.62 -20.01
CA ALA C 112 4.39 13.54 -19.45
C ALA C 112 5.70 12.80 -19.24
N ALA C 113 6.79 13.33 -19.80
CA ALA C 113 8.09 12.72 -19.61
C ALA C 113 8.58 12.94 -18.18
N PRO C 114 9.36 12.01 -17.64
CA PRO C 114 9.92 12.20 -16.30
C PRO C 114 11.10 13.15 -16.30
N SER C 115 11.25 13.87 -15.19
CA SER C 115 12.47 14.58 -14.88
C SER C 115 13.38 13.66 -14.07
N VAL C 116 14.62 13.48 -14.53
CA VAL C 116 15.52 12.48 -13.99
C VAL C 116 16.60 13.15 -13.15
N PHE C 117 16.95 12.50 -12.03
CA PHE C 117 18.01 12.95 -11.14
C PHE C 117 18.78 11.72 -10.66
N ILE C 118 20.06 11.93 -10.33
CA ILE C 118 20.93 10.85 -9.87
C ILE C 118 21.66 11.31 -8.62
N PHE C 119 21.82 10.39 -7.65
CA PHE C 119 22.39 10.73 -6.35
C PHE C 119 23.53 9.77 -6.03
N PRO C 120 24.70 10.30 -5.65
CA PRO C 120 25.83 9.44 -5.29
C PRO C 120 25.64 8.89 -3.88
N PRO C 121 26.33 7.80 -3.53
CA PRO C 121 26.26 7.31 -2.15
C PRO C 121 26.90 8.31 -1.20
N SER C 122 26.22 8.53 -0.06
CA SER C 122 26.77 9.42 0.95
C SER C 122 28.09 8.86 1.47
N ASP C 123 28.93 9.76 1.98
CA ASP C 123 30.18 9.32 2.58
C ASP C 123 29.94 8.51 3.84
N GLU C 124 28.94 8.92 4.63
CA GLU C 124 28.59 8.18 5.85
C GLU C 124 28.19 6.74 5.53
N GLN C 125 27.49 6.53 4.41
CA GLN C 125 27.21 5.16 3.99
C GLN C 125 28.46 4.49 3.45
N LEU C 126 29.33 5.26 2.80
CA LEU C 126 30.54 4.70 2.21
C LEU C 126 31.43 4.09 3.29
N LYS C 127 31.79 4.89 4.30
CA LYS C 127 32.58 4.37 5.41
C LYS C 127 31.89 3.23 6.14
N SER C 128 30.58 3.04 5.93
CA SER C 128 29.87 1.94 6.57
C SER C 128 30.22 0.60 5.94
N GLY C 129 30.51 0.57 4.65
CA GLY C 129 30.82 -0.68 3.99
C GLY C 129 30.10 -0.88 2.67
N THR C 130 28.95 -0.21 2.51
CA THR C 130 28.13 -0.34 1.33
C THR C 130 27.98 1.02 0.64
N ALA C 131 27.62 0.98 -0.63
CA ALA C 131 27.36 2.18 -1.41
C ALA C 131 26.16 1.92 -2.31
N SER C 132 25.09 2.69 -2.13
CA SER C 132 23.91 2.62 -2.97
C SER C 132 23.73 3.91 -3.76
N VAL C 133 23.44 3.77 -5.05
CA VAL C 133 23.24 4.89 -5.95
C VAL C 133 21.79 4.90 -6.40
N VAL C 134 21.16 6.07 -6.35
CA VAL C 134 19.71 6.20 -6.49
C VAL C 134 19.40 7.08 -7.70
N CYS C 135 18.50 6.60 -8.56
CA CYS C 135 18.01 7.35 -9.71
C CYS C 135 16.52 7.64 -9.53
N LEU C 136 16.14 8.91 -9.73
CA LEU C 136 14.77 9.37 -9.50
C LEU C 136 14.11 9.75 -10.82
N LEU C 137 12.89 9.25 -11.04
CA LEU C 137 12.05 9.64 -12.18
C LEU C 137 10.83 10.35 -11.63
N ASN C 138 10.74 11.66 -11.86
CA ASN C 138 9.78 12.51 -11.17
C ASN C 138 8.64 12.94 -12.07
N ASN C 139 7.40 12.72 -11.61
CA ASN C 139 6.20 13.36 -12.15
C ASN C 139 5.98 13.04 -13.62
N PHE C 140 5.81 11.74 -13.92
CA PHE C 140 5.60 11.29 -15.29
C PHE C 140 4.29 10.51 -15.41
N TYR C 141 3.91 10.26 -16.66
CA TYR C 141 2.70 9.50 -17.00
C TYR C 141 2.84 9.00 -18.42
N PRO C 142 2.44 7.76 -18.72
CA PRO C 142 1.93 6.77 -17.76
C PRO C 142 3.05 6.04 -17.01
N ARG C 143 2.70 4.93 -16.36
CA ARG C 143 3.60 4.34 -15.37
C ARG C 143 4.80 3.63 -15.98
N GLU C 144 4.70 3.17 -17.22
CA GLU C 144 5.71 2.29 -17.79
C GLU C 144 7.04 3.02 -17.98
N ALA C 145 8.13 2.33 -17.63
CA ALA C 145 9.48 2.89 -17.80
C ALA C 145 10.52 1.77 -17.88
N GLN C 148 17.55 1.59 -17.25
CA GLN C 148 18.69 0.68 -17.16
C GLN C 148 19.92 1.37 -16.58
N TRP C 149 20.68 0.62 -15.77
CA TRP C 149 21.88 1.15 -15.14
C TRP C 149 23.10 0.83 -15.98
N LYS C 150 24.05 1.77 -15.99
CA LYS C 150 25.33 1.59 -16.67
C LYS C 150 26.43 2.17 -15.81
N VAL C 151 27.41 1.36 -15.47
CA VAL C 151 28.63 1.83 -14.82
C VAL C 151 29.76 1.48 -15.79
N ASP C 152 30.09 2.44 -16.67
CA ASP C 152 31.00 2.25 -17.80
C ASP C 152 30.41 1.25 -18.79
N ASN C 153 29.21 1.57 -19.28
CA ASN C 153 28.50 0.81 -20.31
C ASN C 153 28.30 -0.65 -19.92
N ALA C 154 28.32 -0.95 -18.62
CA ALA C 154 28.07 -2.31 -18.11
C ALA C 154 26.57 -2.45 -17.85
N LEU C 155 25.87 -3.11 -18.77
CA LEU C 155 24.43 -3.25 -18.68
C LEU C 155 24.07 -4.07 -17.45
N GLN C 156 23.13 -3.56 -16.65
CA GLN C 156 22.63 -4.23 -15.46
C GLN C 156 23.77 -4.61 -14.52
N GLY C 158 25.71 -3.92 -9.84
CA GLY C 158 24.91 -4.92 -9.14
C GLY C 158 23.49 -4.90 -9.65
N ASN C 159 22.62 -5.67 -9.01
CA ASN C 159 21.22 -5.59 -9.35
C ASN C 159 20.55 -4.41 -8.63
N SER C 160 19.35 -4.09 -9.08
CA SER C 160 18.64 -2.91 -8.61
C SER C 160 17.17 -3.24 -8.43
N GLN C 161 16.51 -2.43 -7.61
CA GLN C 161 15.07 -2.57 -7.36
C GLN C 161 14.43 -1.21 -7.58
N GLU C 162 13.24 -1.21 -8.17
CA GLU C 162 12.50 0.03 -8.33
C GLU C 162 11.26 0.05 -7.45
N SER C 163 10.87 1.26 -7.06
CA SER C 163 9.65 1.54 -6.33
C SER C 163 8.92 2.65 -7.05
N VAL C 164 7.59 2.61 -7.03
CA VAL C 164 6.77 3.60 -7.71
C VAL C 164 5.65 4.05 -6.78
N THR C 165 5.31 5.34 -6.86
CA THR C 165 4.24 5.90 -6.04
C THR C 165 2.88 5.65 -6.71
N GLU C 166 1.82 5.86 -5.93
CA GLU C 166 0.49 5.94 -6.51
C GLU C 166 0.34 7.27 -7.25
N GLN C 167 -0.68 7.34 -8.10
CA GLN C 167 -0.98 8.57 -8.82
C GLN C 167 -1.07 9.75 -7.87
N ASP C 168 -0.31 10.80 -8.17
CA ASP C 168 -0.38 12.02 -7.38
C ASP C 168 -1.79 12.59 -7.42
N SER C 169 -2.30 12.98 -6.24
CA SER C 169 -3.63 13.55 -6.16
C SER C 169 -3.75 14.85 -6.94
N LYS C 170 -2.66 15.62 -7.04
CA LYS C 170 -2.70 16.94 -7.66
C LYS C 170 -2.69 16.84 -9.19
N ASP C 171 -1.64 16.23 -9.75
CA ASP C 171 -1.43 16.24 -11.20
C ASP C 171 -1.50 14.86 -11.84
N SER C 172 -1.94 13.85 -11.10
CA SER C 172 -2.19 12.50 -11.62
C SER C 172 -0.96 11.85 -12.25
N THR C 173 0.23 12.26 -11.87
CA THR C 173 1.44 11.64 -12.38
C THR C 173 2.00 10.63 -11.39
N TYR C 174 3.01 9.89 -11.85
CA TYR C 174 3.74 8.95 -11.04
C TYR C 174 5.17 9.44 -10.81
N SER C 175 5.82 8.87 -9.80
CA SER C 175 7.25 8.99 -9.63
C SER C 175 7.83 7.62 -9.32
N LEU C 176 9.11 7.44 -9.65
CA LEU C 176 9.75 6.14 -9.55
C LEU C 176 11.20 6.33 -9.11
N SER C 177 11.68 5.41 -8.28
CA SER C 177 13.08 5.36 -7.88
C SER C 177 13.66 4.01 -8.22
N SER C 178 14.90 4.00 -8.72
CA SER C 178 15.67 2.78 -8.87
C SER C 178 16.99 2.95 -8.12
N THR C 179 17.27 2.01 -7.22
CA THR C 179 18.43 2.09 -6.34
C THR C 179 19.40 0.98 -6.68
N LEU C 180 20.64 1.36 -7.01
CA LEU C 180 21.67 0.40 -7.36
C LEU C 180 22.59 0.18 -6.16
N THR C 181 22.89 -1.08 -5.85
CA THR C 181 23.64 -1.45 -4.66
C THR C 181 24.94 -2.18 -5.00
N LEU C 182 26.05 -1.72 -4.43
CA LEU C 182 27.37 -2.35 -4.53
C LEU C 182 28.11 -2.28 -3.20
N SER C 183 29.07 -3.19 -3.08
CA SER C 183 30.06 -3.14 -2.03
C SER C 183 31.00 -1.95 -2.23
N LYS C 184 31.48 -1.44 -1.10
CA LYS C 184 32.41 -0.31 -1.12
C LYS C 184 33.59 -0.58 -2.05
N ALA C 185 34.09 -1.82 -2.06
CA ALA C 185 35.12 -2.20 -3.02
C ALA C 185 34.69 -1.82 -4.44
N ASP C 186 33.58 -2.40 -4.92
CA ASP C 186 33.19 -2.20 -6.30
C ASP C 186 32.71 -0.78 -6.59
N TYR C 187 32.34 -0.01 -5.57
CA TYR C 187 32.00 1.38 -5.81
C TYR C 187 33.23 2.18 -6.24
N GLU C 188 34.31 2.10 -5.46
CA GLU C 188 35.54 2.84 -5.74
C GLU C 188 36.45 2.14 -6.76
N LYS C 189 35.89 1.64 -7.85
CA LYS C 189 36.68 0.94 -8.86
C LYS C 189 36.37 1.36 -10.29
N HIS C 190 35.20 1.91 -10.58
CA HIS C 190 34.82 2.23 -11.95
C HIS C 190 34.40 3.71 -12.02
N LYS C 191 34.62 4.30 -13.19
CA LYS C 191 34.64 5.76 -13.31
C LYS C 191 33.28 6.43 -13.15
N VAL C 192 32.36 6.20 -14.10
CA VAL C 192 31.12 6.97 -14.18
C VAL C 192 29.93 6.10 -13.81
N TYR C 193 29.00 6.70 -13.08
CA TYR C 193 27.72 6.08 -12.74
C TYR C 193 26.64 6.79 -13.54
N ALA C 194 25.98 6.05 -14.44
CA ALA C 194 25.00 6.61 -15.35
C ALA C 194 23.68 5.90 -15.21
N CYS C 195 22.59 6.66 -15.14
CA CYS C 195 21.23 6.14 -15.14
C CYS C 195 20.58 6.53 -16.46
N GLU C 196 20.29 5.54 -17.31
CA GLU C 196 19.62 5.79 -18.58
C GLU C 196 18.15 5.42 -18.46
N VAL C 197 17.28 6.37 -18.81
CA VAL C 197 15.84 6.25 -18.65
C VAL C 197 15.21 6.24 -20.04
N THR C 198 14.28 5.33 -20.26
CA THR C 198 13.54 5.26 -21.51
C THR C 198 12.05 5.30 -21.18
N HIS C 199 11.33 6.16 -21.87
CA HIS C 199 9.93 6.43 -21.58
C HIS C 199 9.25 6.83 -22.89
N GLN C 200 7.93 6.98 -22.82
CA GLN C 200 7.17 7.58 -23.93
C GLN C 200 7.43 9.08 -23.97
N GLY C 201 8.69 9.48 -23.90
CA GLY C 201 9.08 10.88 -23.96
C GLY C 201 10.41 11.13 -24.64
N SER C 202 10.45 10.94 -25.96
CA SER C 202 11.39 11.53 -26.93
C SER C 202 12.48 10.54 -27.36
N SER C 203 13.58 10.49 -26.60
CA SER C 203 14.72 9.62 -26.89
C SER C 203 15.42 9.32 -25.58
N PRO C 204 15.92 8.08 -25.39
CA PRO C 204 16.44 7.66 -24.08
C PRO C 204 17.34 8.66 -23.37
N VAL C 205 16.79 9.35 -22.37
CA VAL C 205 17.54 10.33 -21.59
C VAL C 205 18.40 9.61 -20.56
N THR C 206 19.63 10.09 -20.38
CA THR C 206 20.59 9.51 -19.45
C THR C 206 21.11 10.61 -18.52
N LYS C 207 21.36 10.23 -17.28
CA LYS C 207 21.89 11.13 -16.26
C LYS C 207 23.06 10.41 -15.61
N SER C 208 24.05 11.17 -15.16
CA SER C 208 25.26 10.51 -14.69
C SER C 208 26.09 11.42 -13.79
N PHE C 209 26.99 10.77 -13.06
CA PHE C 209 28.05 11.43 -12.31
C PHE C 209 29.25 10.50 -12.28
N ASN C 210 30.43 11.08 -12.01
CA ASN C 210 31.63 10.31 -11.73
C ASN C 210 32.14 10.68 -10.34
N ARG C 211 32.61 9.66 -9.59
CA ARG C 211 32.87 9.80 -8.16
C ARG C 211 33.82 10.95 -7.83
N GLY C 212 34.46 11.55 -8.84
CA GLY C 212 35.33 12.69 -8.59
C GLY C 212 34.58 14.00 -8.44
N GLU C 213 34.19 14.32 -7.21
CA GLU C 213 33.75 15.65 -6.83
C GLU C 213 33.72 15.79 -5.31
#